data_3NWO
#
_entry.id   3NWO
#
_cell.length_a   71.930
_cell.length_b   69.920
_cell.length_c   55.630
_cell.angle_alpha   90.000
_cell.angle_beta   93.180
_cell.angle_gamma   90.000
#
_symmetry.space_group_name_H-M   'C 1 2 1'
#
loop_
_entity.id
_entity.type
_entity.pdbx_description
1 polymer 'Proline iminopeptidase'
2 non-polymer 'MAGNESIUM ION'
3 non-polymer GLYCEROL
4 non-polymer 1,2-ETHANEDIOL
5 water water
#
_entity_poly.entity_id   1
_entity_poly.type   'polypeptide(L)'
_entity_poly.pdbx_seq_one_letter_code
;MAHHHHHHMGTLEANTNGPGSMLSRMPVSSRTVPFGDHETWVQVTTPENAQPHALPLIVLHGGPGMAHNYVANIAALADE
TGRTVIHYDQVGCGNSTHLPDAPADFWTPQLFVDEFHAVCTALGIERYHVLGQSWGGMLGAEIAVRQPSGLVSLAICNSP
ASMRLWSEAAGDLRAQLPAETRAALDRHEAAGTITHPDYLQAAAEFYRRHVCRVVPTPQDFADSVAQMEAEPTVYHTMNG
PNEFHVVGTLGDWSVIDRLPDVTAPVLVIAGEHDEATPKTWQPFVDHIPDVRSHVFPGTSHCTHLEKPEEFRAVVAQFLH
QHDLAADARV
;
_entity_poly.pdbx_strand_id   A
#
# COMPACT_ATOMS: atom_id res chain seq x y z
N SER A 29 13.58 9.54 -14.82
CA SER A 29 13.60 11.02 -14.58
C SER A 29 12.58 11.40 -13.53
N SER A 30 12.83 12.54 -12.88
CA SER A 30 12.04 12.96 -11.75
C SER A 30 12.05 14.49 -11.53
N ARG A 31 11.02 14.95 -10.84
CA ARG A 31 10.79 16.37 -10.62
C ARG A 31 9.75 16.50 -9.55
N THR A 32 9.54 17.72 -9.07
CA THR A 32 8.41 17.98 -8.21
C THR A 32 7.24 18.60 -9.01
N VAL A 33 6.02 18.32 -8.56
CA VAL A 33 4.83 18.89 -9.14
C VAL A 33 4.09 19.62 -8.05
N PRO A 34 3.36 20.67 -8.41
CA PRO A 34 2.69 21.40 -7.36
C PRO A 34 1.47 20.68 -6.83
N PHE A 35 1.32 20.72 -5.51
CA PHE A 35 0.07 20.29 -4.88
C PHE A 35 -0.28 21.39 -3.89
N GLY A 36 -1.21 22.27 -4.27
CA GLY A 36 -1.43 23.46 -3.46
C GLY A 36 -0.14 24.25 -3.38
N ASP A 37 0.21 24.64 -2.15
CA ASP A 37 1.45 25.37 -1.87
C ASP A 37 2.64 24.44 -1.70
N HIS A 38 2.42 23.12 -1.83
CA HIS A 38 3.47 22.15 -1.52
C HIS A 38 4.04 21.57 -2.80
N GLU A 39 5.10 20.78 -2.66
CA GLU A 39 5.74 20.11 -3.77
C GLU A 39 5.70 18.59 -3.57
N THR A 40 5.14 17.88 -4.54
CA THR A 40 5.13 16.43 -4.53
C THR A 40 6.19 15.92 -5.51
N TRP A 41 7.08 15.08 -5.01
CA TRP A 41 8.14 14.51 -5.82
C TRP A 41 7.63 13.29 -6.60
N VAL A 42 7.89 13.30 -7.89
CA VAL A 42 7.43 12.21 -8.77
C VAL A 42 8.61 11.67 -9.55
N GLN A 43 8.54 10.38 -9.88
CA GLN A 43 9.51 9.69 -10.71
C GLN A 43 8.81 8.99 -11.87
N VAL A 44 9.28 9.22 -13.08
CA VAL A 44 8.66 8.65 -14.26
C VAL A 44 9.66 7.69 -14.91
N THR A 45 9.23 6.44 -15.10
CA THR A 45 10.06 5.42 -15.72
C THR A 45 9.41 5.13 -17.04
N THR A 46 10.13 5.33 -18.13
CA THR A 46 9.56 5.15 -19.46
C THR A 46 10.01 3.81 -20.02
N PRO A 47 9.16 3.14 -20.82
CA PRO A 47 9.49 1.84 -21.38
C PRO A 47 10.46 1.86 -22.53
N GLU A 48 11.20 0.77 -22.64
CA GLU A 48 12.18 0.61 -23.71
C GLU A 48 11.52 0.39 -25.08
N ASN A 49 10.33 -0.20 -25.09
CA ASN A 49 9.60 -0.43 -26.33
C ASN A 49 8.09 -0.18 -26.07
N ALA A 50 7.72 1.11 -26.08
CA ALA A 50 6.35 1.55 -25.73
C ALA A 50 5.33 0.84 -26.60
N GLN A 51 4.34 0.25 -25.97
CA GLN A 51 3.30 -0.53 -26.67
C GLN A 51 2.08 0.32 -26.90
N PRO A 52 1.40 0.10 -28.04
CA PRO A 52 0.25 0.94 -28.34
C PRO A 52 -0.87 0.72 -27.31
N HIS A 53 -1.48 1.80 -26.85
CA HIS A 53 -2.58 1.69 -25.86
C HIS A 53 -2.18 1.13 -24.51
N ALA A 54 -0.89 0.97 -24.23
CA ALA A 54 -0.47 0.57 -22.87
C ALA A 54 -0.50 1.83 -21.99
N LEU A 55 -1.55 1.97 -21.19
CA LEU A 55 -1.76 3.17 -20.43
C LEU A 55 -0.85 3.24 -19.21
N PRO A 56 -0.53 4.45 -18.75
CA PRO A 56 0.37 4.58 -17.62
C PRO A 56 -0.16 3.98 -16.32
N LEU A 57 0.77 3.50 -15.50
CA LEU A 57 0.50 2.91 -14.19
C LEU A 57 1.06 3.87 -13.12
N ILE A 58 0.20 4.27 -12.20
CA ILE A 58 0.56 5.08 -11.05
C ILE A 58 0.65 4.16 -9.80
N VAL A 59 1.83 4.10 -9.20
CA VAL A 59 2.10 3.24 -8.02
C VAL A 59 1.98 4.06 -6.73
N LEU A 60 1.07 3.64 -5.84
CA LEU A 60 0.85 4.32 -4.56
C LEU A 60 1.52 3.53 -3.42
N HIS A 61 2.44 4.16 -2.70
CA HIS A 61 3.13 3.53 -1.57
C HIS A 61 2.25 3.53 -0.31
N GLY A 62 2.58 2.68 0.65
CA GLY A 62 1.85 2.54 1.88
C GLY A 62 2.48 3.33 3.01
N GLY A 63 2.32 2.80 4.21
CA GLY A 63 2.78 3.41 5.46
C GLY A 63 1.62 3.72 6.40
N PRO A 64 0.95 4.87 6.19
CA PRO A 64 1.29 5.99 5.31
C PRO A 64 2.65 6.57 5.71
N GLY A 65 3.23 7.38 4.84
CA GLY A 65 4.49 8.05 5.10
C GLY A 65 5.75 7.23 4.92
N MET A 66 5.65 6.11 4.17
CA MET A 66 6.74 5.16 3.94
CA MET A 66 6.78 5.23 3.99
C MET A 66 7.59 5.53 2.73
N ALA A 67 7.06 6.40 1.87
CA ALA A 67 7.68 6.83 0.61
C ALA A 67 7.70 5.68 -0.44
N HIS A 68 8.13 6.02 -1.65
CA HIS A 68 8.09 5.10 -2.79
C HIS A 68 9.14 4.01 -2.74
N ASN A 69 10.17 4.18 -1.91
CA ASN A 69 11.41 3.39 -2.05
C ASN A 69 11.07 1.89 -2.03
N TYR A 70 10.27 1.46 -1.06
CA TYR A 70 10.04 0.03 -0.87
C TYR A 70 9.24 -0.62 -2.04
N VAL A 71 8.57 0.22 -2.83
CA VAL A 71 7.83 -0.26 -4.00
C VAL A 71 8.48 0.16 -5.31
N ALA A 72 9.72 0.65 -5.23
CA ALA A 72 10.54 1.04 -6.41
C ALA A 72 10.62 -0.04 -7.48
N ASN A 73 10.73 -1.31 -7.07
CA ASN A 73 10.91 -2.42 -8.05
C ASN A 73 9.74 -2.65 -8.99
N ILE A 74 8.56 -2.16 -8.65
CA ILE A 74 7.38 -2.26 -9.53
C ILE A 74 7.59 -1.48 -10.86
N ALA A 75 8.56 -0.56 -10.87
CA ALA A 75 8.96 0.16 -12.09
C ALA A 75 9.47 -0.78 -13.19
N ALA A 76 9.86 -2.02 -12.83
CA ALA A 76 10.22 -3.07 -13.82
C ALA A 76 9.12 -3.33 -14.81
N LEU A 77 7.88 -3.01 -14.41
CA LEU A 77 6.72 -3.19 -15.28
C LEU A 77 6.79 -2.34 -16.53
N ALA A 78 7.51 -1.22 -16.45
CA ALA A 78 7.64 -0.34 -17.63
C ALA A 78 8.26 -1.08 -18.82
N ASP A 79 9.43 -1.67 -18.62
CA ASP A 79 10.07 -2.43 -19.69
C ASP A 79 9.29 -3.74 -20.00
N GLU A 80 8.80 -4.40 -18.97
CA GLU A 80 8.15 -5.68 -19.14
C GLU A 80 6.86 -5.61 -19.90
N THR A 81 6.13 -4.49 -19.81
CA THR A 81 4.80 -4.38 -20.44
C THR A 81 4.65 -3.20 -21.41
N GLY A 82 5.69 -2.39 -21.56
CA GLY A 82 5.67 -1.32 -22.56
C GLY A 82 4.85 -0.09 -22.19
N ARG A 83 4.74 0.21 -20.89
CA ARG A 83 3.99 1.36 -20.42
C ARG A 83 4.86 2.23 -19.53
N THR A 84 4.41 3.45 -19.31
CA THR A 84 5.05 4.36 -18.35
C THR A 84 4.60 4.02 -16.94
N VAL A 85 5.56 4.00 -16.02
CA VAL A 85 5.26 3.80 -14.62
C VAL A 85 5.67 5.04 -13.81
N ILE A 86 4.74 5.52 -12.99
CA ILE A 86 4.91 6.70 -12.16
C ILE A 86 4.90 6.31 -10.70
N HIS A 87 5.95 6.69 -9.99
CA HIS A 87 5.98 6.67 -8.56
C HIS A 87 5.98 8.09 -8.05
N TYR A 88 5.46 8.28 -6.85
CA TYR A 88 5.68 9.51 -6.14
C TYR A 88 5.66 9.36 -4.62
N ASP A 89 6.25 10.33 -3.93
CA ASP A 89 6.22 10.42 -2.48
C ASP A 89 5.03 11.29 -2.09
N GLN A 90 4.13 10.73 -1.30
CA GLN A 90 3.01 11.46 -0.85
C GLN A 90 3.47 12.57 0.08
N VAL A 91 2.88 13.74 -0.11
CA VAL A 91 3.14 14.94 0.70
C VAL A 91 3.26 14.61 2.18
N GLY A 92 4.27 15.21 2.81
CA GLY A 92 4.62 14.95 4.19
C GLY A 92 5.70 13.89 4.44
N CYS A 93 6.09 13.15 3.41
CA CYS A 93 7.18 12.17 3.54
C CYS A 93 8.17 12.21 2.39
N GLY A 94 9.26 11.52 2.62
CA GLY A 94 10.26 11.28 1.59
C GLY A 94 10.80 12.53 0.93
N ASN A 95 10.78 12.49 -0.40
CA ASN A 95 11.32 13.57 -1.23
C ASN A 95 10.35 14.76 -1.47
N SER A 96 9.16 14.68 -0.88
CA SER A 96 8.13 15.69 -1.04
C SER A 96 8.17 16.64 0.14
N THR A 97 7.30 17.65 0.14
CA THR A 97 7.29 18.64 1.24
C THR A 97 6.99 18.00 2.57
N HIS A 98 7.84 18.30 3.57
CA HIS A 98 7.58 17.93 4.97
C HIS A 98 6.86 19.07 5.68
N LEU A 99 5.82 18.69 6.44
CA LEU A 99 4.93 19.62 7.13
C LEU A 99 4.78 19.17 8.60
N PRO A 100 5.89 19.13 9.38
CA PRO A 100 5.86 18.71 10.79
C PRO A 100 4.99 19.62 11.67
N ASP A 101 4.75 20.84 11.20
CA ASP A 101 3.90 21.83 11.88
C ASP A 101 2.42 21.83 11.51
N ALA A 102 1.99 20.99 10.57
CA ALA A 102 0.55 20.90 10.23
C ALA A 102 -0.22 20.34 11.41
N PRO A 103 -1.47 20.81 11.62
CA PRO A 103 -2.28 20.18 12.66
C PRO A 103 -2.48 18.69 12.35
N ALA A 104 -2.62 17.84 13.37
CA ALA A 104 -2.82 16.41 13.12
C ALA A 104 -3.98 16.10 12.18
N ASP A 105 -5.02 16.93 12.24
CA ASP A 105 -6.21 16.68 11.43
C ASP A 105 -6.06 17.09 9.95
N PHE A 106 -4.90 17.63 9.58
CA PHE A 106 -4.53 17.84 8.18
C PHE A 106 -4.44 16.52 7.38
N TRP A 107 -3.99 15.46 8.04
CA TRP A 107 -3.58 14.25 7.37
C TRP A 107 -4.77 13.30 7.23
N THR A 108 -5.41 13.33 6.06
CA THR A 108 -6.66 12.60 5.81
C THR A 108 -6.61 11.89 4.47
N PRO A 109 -7.42 10.82 4.31
CA PRO A 109 -7.53 10.21 2.98
C PRO A 109 -7.88 11.24 1.89
N GLN A 110 -8.78 12.18 2.19
CA GLN A 110 -9.13 13.21 1.21
C GLN A 110 -7.90 13.99 0.72
N LEU A 111 -7.01 14.36 1.64
CA LEU A 111 -5.80 15.11 1.23
C LEU A 111 -5.04 14.35 0.13
N PHE A 112 -4.84 13.05 0.37
CA PHE A 112 -4.04 12.23 -0.55
C PHE A 112 -4.76 11.93 -1.87
N VAL A 113 -6.09 11.88 -1.83
CA VAL A 113 -6.90 11.80 -3.04
C VAL A 113 -6.67 13.04 -3.92
N ASP A 114 -6.80 14.21 -3.28
CA ASP A 114 -6.57 15.50 -3.93
C ASP A 114 -5.14 15.53 -4.50
N GLU A 115 -4.16 15.06 -3.74
CA GLU A 115 -2.78 15.05 -4.25
C GLU A 115 -2.66 14.16 -5.48
N PHE A 116 -3.23 12.97 -5.41
CA PHE A 116 -3.21 12.02 -6.53
C PHE A 116 -3.65 12.69 -7.83
N HIS A 117 -4.77 13.37 -7.77
CA HIS A 117 -5.29 14.03 -8.98
C HIS A 117 -4.43 15.19 -9.43
N ALA A 118 -3.84 15.89 -8.46
CA ALA A 118 -2.88 16.94 -8.76
C ALA A 118 -1.66 16.38 -9.51
N VAL A 119 -1.18 15.19 -9.13
CA VAL A 119 -0.05 14.56 -9.83
C VAL A 119 -0.46 14.22 -11.26
N CYS A 120 -1.60 13.55 -11.42
CA CYS A 120 -2.09 13.20 -12.77
C CYS A 120 -2.23 14.43 -13.67
N THR A 121 -2.76 15.50 -13.11
CA THR A 121 -2.99 16.72 -13.88
C THR A 121 -1.66 17.35 -14.34
N ALA A 122 -0.73 17.53 -13.42
CA ALA A 122 0.56 18.11 -13.76
C ALA A 122 1.33 17.25 -14.79
N LEU A 123 1.16 15.93 -14.77
CA LEU A 123 1.84 15.07 -15.75
C LEU A 123 1.05 14.85 -17.05
N GLY A 124 -0.15 15.41 -17.13
CA GLY A 124 -0.96 15.28 -18.33
C GLY A 124 -1.47 13.86 -18.57
N ILE A 125 -1.77 13.13 -17.50
CA ILE A 125 -2.26 11.77 -17.63
C ILE A 125 -3.81 11.78 -17.56
N GLU A 126 -4.48 11.40 -18.64
CA GLU A 126 -5.94 11.44 -18.71
C GLU A 126 -6.56 10.13 -18.21
N ARG A 127 -6.03 9.00 -18.72
CA ARG A 127 -6.50 7.66 -18.41
CA ARG A 127 -6.52 7.68 -18.36
C ARG A 127 -5.34 6.85 -17.84
N TYR A 128 -5.58 6.17 -16.73
CA TYR A 128 -4.51 5.55 -15.97
C TYR A 128 -4.98 4.32 -15.21
N HIS A 129 -4.03 3.41 -14.96
CA HIS A 129 -4.18 2.33 -13.98
C HIS A 129 -3.52 2.71 -12.65
N VAL A 130 -4.10 2.26 -11.54
CA VAL A 130 -3.55 2.54 -10.22
C VAL A 130 -3.18 1.20 -9.60
N LEU A 131 -2.04 1.17 -8.97
CA LEU A 131 -1.63 0.03 -8.09
C LEU A 131 -1.22 0.60 -6.75
N GLY A 132 -1.87 0.14 -5.69
CA GLY A 132 -1.54 0.60 -4.35
C GLY A 132 -1.22 -0.56 -3.42
N GLN A 133 -0.20 -0.36 -2.60
CA GLN A 133 0.32 -1.40 -1.70
C GLN A 133 0.12 -0.96 -0.25
N SER A 134 -0.59 -1.80 0.51
CA SER A 134 -0.90 -1.59 1.93
C SER A 134 -1.78 -0.36 2.10
N TRP A 135 -1.33 0.68 2.80
CA TRP A 135 -2.02 1.97 2.79
C TRP A 135 -2.26 2.48 1.36
N GLY A 136 -1.33 2.22 0.45
CA GLY A 136 -1.52 2.62 -0.94
C GLY A 136 -2.75 2.02 -1.57
N GLY A 137 -3.10 0.79 -1.20
CA GLY A 137 -4.33 0.15 -1.66
C GLY A 137 -5.58 0.67 -0.99
N MET A 138 -5.46 1.05 0.28
CA MET A 138 -6.48 1.77 0.99
C MET A 138 -6.77 3.09 0.25
N LEU A 139 -5.71 3.83 -0.10
CA LEU A 139 -5.82 5.09 -0.80
C LEU A 139 -6.37 4.86 -2.19
N GLY A 140 -5.90 3.81 -2.87
CA GLY A 140 -6.51 3.39 -4.15
C GLY A 140 -8.02 3.25 -4.10
N ALA A 141 -8.49 2.61 -3.04
CA ALA A 141 -9.93 2.41 -2.84
C ALA A 141 -10.64 3.73 -2.61
N GLU A 142 -10.02 4.63 -1.83
CA GLU A 142 -10.59 5.95 -1.60
C GLU A 142 -10.72 6.70 -2.90
N ILE A 143 -9.70 6.59 -3.76
CA ILE A 143 -9.73 7.22 -5.08
C ILE A 143 -10.87 6.62 -5.91
N ALA A 144 -10.96 5.30 -5.92
CA ALA A 144 -11.95 4.61 -6.76
C ALA A 144 -13.41 4.84 -6.37
N VAL A 145 -13.69 4.92 -5.06
CA VAL A 145 -15.07 5.02 -4.61
C VAL A 145 -15.69 6.35 -5.02
N ARG A 146 -14.81 7.30 -5.37
CA ARG A 146 -15.22 8.62 -5.83
C ARG A 146 -15.51 8.70 -7.34
N GLN A 147 -15.34 7.60 -8.06
CA GLN A 147 -15.67 7.49 -9.51
C GLN A 147 -14.96 8.55 -10.40
N PRO A 148 -13.62 8.66 -10.30
CA PRO A 148 -12.86 9.59 -11.17
C PRO A 148 -12.94 9.13 -12.62
N SER A 149 -13.11 10.06 -13.57
CA SER A 149 -13.38 9.71 -14.97
C SER A 149 -12.20 8.96 -15.65
N GLY A 150 -10.97 9.19 -15.16
CA GLY A 150 -9.75 8.69 -15.81
C GLY A 150 -9.28 7.32 -15.32
N LEU A 151 -9.92 6.82 -14.28
CA LEU A 151 -9.43 5.56 -13.68
C LEU A 151 -9.84 4.34 -14.53
N VAL A 152 -8.85 3.66 -15.09
CA VAL A 152 -9.12 2.50 -15.98
C VAL A 152 -9.15 1.16 -15.18
N SER A 153 -8.28 1.02 -14.19
CA SER A 153 -8.29 -0.17 -13.35
C SER A 153 -7.54 0.11 -12.05
N LEU A 154 -7.84 -0.67 -11.02
CA LEU A 154 -7.16 -0.55 -9.72
C LEU A 154 -6.71 -1.93 -9.22
N ALA A 155 -5.45 -2.03 -8.82
CA ALA A 155 -4.89 -3.19 -8.18
C ALA A 155 -4.66 -2.87 -6.70
N ILE A 156 -5.47 -3.47 -5.81
CA ILE A 156 -5.31 -3.31 -4.36
C ILE A 156 -4.39 -4.44 -3.92
N CYS A 157 -3.20 -4.09 -3.45
CA CYS A 157 -2.20 -5.10 -3.08
C CYS A 157 -1.93 -5.10 -1.59
N ASN A 158 -2.29 -6.19 -0.93
CA ASN A 158 -2.02 -6.41 0.50
C ASN A 158 -2.62 -5.33 1.42
N SER A 159 -3.94 -5.16 1.33
CA SER A 159 -4.62 -4.09 2.05
C SER A 159 -5.87 -4.64 2.73
N PRO A 160 -6.17 -4.13 3.95
CA PRO A 160 -7.46 -4.36 4.59
C PRO A 160 -8.53 -3.35 4.09
N ALA A 161 -9.80 -3.73 4.21
CA ALA A 161 -10.91 -2.86 3.87
C ALA A 161 -11.41 -2.07 5.11
N SER A 162 -10.97 -2.46 6.29
CA SER A 162 -11.21 -1.68 7.51
C SER A 162 -10.12 -1.91 8.55
N MET A 163 -9.89 -0.93 9.43
CA MET A 163 -8.97 -1.14 10.54
C MET A 163 -9.51 -2.15 11.54
N ARG A 164 -10.84 -2.24 11.69
CA ARG A 164 -11.41 -3.23 12.57
C ARG A 164 -11.02 -4.65 12.14
N LEU A 165 -11.11 -4.91 10.86
CA LEU A 165 -10.72 -6.22 10.33
C LEU A 165 -9.20 -6.42 10.44
N TRP A 166 -8.43 -5.38 10.14
CA TRP A 166 -6.99 -5.43 10.31
C TRP A 166 -6.58 -5.87 11.71
N SER A 167 -7.26 -5.34 12.75
CA SER A 167 -6.95 -5.71 14.14
C SER A 167 -7.37 -7.12 14.46
N GLU A 168 -8.52 -7.53 13.95
CA GLU A 168 -8.97 -8.90 14.17
C GLU A 168 -7.93 -9.88 13.57
N ALA A 169 -7.49 -9.56 12.36
CA ALA A 169 -6.48 -10.36 11.69
C ALA A 169 -5.21 -10.50 12.50
N ALA A 170 -4.78 -9.42 13.20
CA ALA A 170 -3.54 -9.49 13.96
C ALA A 170 -3.67 -10.53 15.07
N GLY A 171 -4.81 -10.52 15.76
CA GLY A 171 -5.10 -11.54 16.76
C GLY A 171 -5.16 -12.96 16.20
N ASP A 172 -5.77 -13.12 15.04
CA ASP A 172 -5.83 -14.46 14.39
C ASP A 172 -4.41 -14.99 14.06
N LEU A 173 -3.57 -14.13 13.50
CA LEU A 173 -2.21 -14.54 13.13
C LEU A 173 -1.39 -14.83 14.38
N ARG A 174 -1.59 -14.07 15.46
CA ARG A 174 -0.88 -14.38 16.71
CA ARG A 174 -0.90 -14.36 16.74
C ARG A 174 -1.33 -15.74 17.27
N ALA A 175 -2.60 -16.07 17.11
CA ALA A 175 -3.11 -17.39 17.51
C ALA A 175 -2.46 -18.54 16.72
N GLN A 176 -1.93 -18.22 15.53
CA GLN A 176 -1.33 -19.20 14.65
C GLN A 176 0.17 -19.35 14.89
N LEU A 177 0.77 -18.46 15.67
CA LEU A 177 2.20 -18.53 15.93
C LEU A 177 2.54 -19.72 16.80
N PRO A 178 3.83 -20.11 16.80
CA PRO A 178 4.22 -21.09 17.81
C PRO A 178 3.94 -20.56 19.21
N ALA A 179 3.52 -21.44 20.10
CA ALA A 179 3.09 -21.04 21.45
C ALA A 179 4.13 -20.15 22.18
N GLU A 180 5.43 -20.43 22.03
CA GLU A 180 6.54 -19.66 22.66
CA GLU A 180 6.43 -19.63 22.76
C GLU A 180 6.58 -18.22 22.22
N THR A 181 6.27 -18.01 20.95
CA THR A 181 6.36 -16.69 20.32
C THR A 181 5.15 -15.87 20.73
N ARG A 182 3.97 -16.48 20.63
CA ARG A 182 2.75 -15.87 21.18
C ARG A 182 2.88 -15.53 22.69
N ALA A 183 3.52 -16.39 23.49
CA ALA A 183 3.61 -16.18 24.93
C ALA A 183 4.45 -14.92 25.24
N ALA A 184 5.54 -14.75 24.49
CA ALA A 184 6.40 -13.61 24.65
C ALA A 184 5.63 -12.32 24.31
N LEU A 185 4.88 -12.34 23.22
CA LEU A 185 4.10 -11.17 22.82
C LEU A 185 3.01 -10.82 23.87
N ASP A 186 2.21 -11.81 24.26
CA ASP A 186 1.15 -11.64 25.24
C ASP A 186 1.70 -11.13 26.59
N ARG A 187 2.71 -11.84 27.11
CA ARG A 187 3.31 -11.64 28.43
C ARG A 187 3.92 -10.25 28.55
N HIS A 188 4.71 -9.86 27.56
CA HIS A 188 5.37 -8.57 27.62
C HIS A 188 4.44 -7.41 27.39
N GLU A 189 3.45 -7.59 26.52
CA GLU A 189 2.42 -6.56 26.38
C GLU A 189 1.61 -6.36 27.70
N ALA A 190 1.24 -7.47 28.35
CA ALA A 190 0.51 -7.42 29.62
C ALA A 190 1.31 -6.70 30.71
N ALA A 191 2.63 -6.88 30.71
CA ALA A 191 3.52 -6.31 31.72
C ALA A 191 3.99 -4.89 31.37
N GLY A 192 3.82 -4.53 30.09
CA GLY A 192 4.35 -3.29 29.51
C GLY A 192 5.81 -3.30 29.11
N THR A 193 6.48 -4.43 29.29
CA THR A 193 7.91 -4.57 29.03
C THR A 193 8.15 -4.90 27.52
N ILE A 194 7.73 -3.98 26.67
CA ILE A 194 7.76 -4.20 25.24
C ILE A 194 9.09 -3.87 24.55
N THR A 195 10.14 -3.56 25.32
CA THR A 195 11.49 -3.47 24.77
C THR A 195 12.37 -4.60 25.30
N HIS A 196 11.78 -5.53 26.04
CA HIS A 196 12.49 -6.73 26.47
C HIS A 196 12.95 -7.48 25.21
N PRO A 197 14.16 -8.05 25.22
CA PRO A 197 14.66 -8.85 24.10
C PRO A 197 13.71 -9.95 23.61
N ASP A 198 12.98 -10.59 24.52
CA ASP A 198 12.03 -11.65 24.18
C ASP A 198 10.91 -11.09 23.29
N TYR A 199 10.46 -9.89 23.65
CA TYR A 199 9.39 -9.26 22.90
C TYR A 199 9.93 -8.82 21.55
N LEU A 200 11.11 -8.23 21.55
CA LEU A 200 11.70 -7.76 20.31
C LEU A 200 11.91 -8.92 19.33
N GLN A 201 12.35 -10.06 19.85
CA GLN A 201 12.53 -11.25 19.01
C GLN A 201 11.18 -11.76 18.46
N ALA A 202 10.16 -11.79 19.32
CA ALA A 202 8.89 -12.36 18.93
C ALA A 202 8.18 -11.45 17.91
N ALA A 203 8.32 -10.13 18.10
CA ALA A 203 7.75 -9.15 17.19
C ALA A 203 8.46 -9.24 15.84
N ALA A 204 9.79 -9.39 15.85
CA ALA A 204 10.54 -9.57 14.60
C ALA A 204 10.18 -10.85 13.86
N GLU A 205 9.92 -11.92 14.59
CA GLU A 205 9.40 -13.14 13.98
C GLU A 205 8.04 -12.93 13.32
N PHE A 206 7.15 -12.21 13.99
CA PHE A 206 5.88 -11.90 13.38
C PHE A 206 6.10 -11.18 12.03
N TYR A 207 7.01 -10.22 12.07
CA TYR A 207 7.39 -9.38 10.92
C TYR A 207 7.92 -10.27 9.78
N ARG A 208 8.81 -11.21 10.13
CA ARG A 208 9.42 -12.09 9.10
C ARG A 208 8.41 -13.09 8.53
N ARG A 209 7.39 -13.44 9.29
CA ARG A 209 6.37 -14.33 8.76
C ARG A 209 5.32 -13.62 7.95
N HIS A 210 4.91 -12.43 8.38
CA HIS A 210 3.69 -11.82 7.85
C HIS A 210 3.85 -10.50 7.11
N VAL A 211 5.02 -9.87 7.21
CA VAL A 211 5.24 -8.59 6.59
C VAL A 211 6.23 -8.75 5.43
N CYS A 212 7.39 -9.31 5.70
CA CYS A 212 8.39 -9.51 4.68
C CYS A 212 9.21 -10.76 5.00
N ARG A 213 9.05 -11.78 4.16
CA ARG A 213 9.69 -13.08 4.40
C ARG A 213 11.11 -13.19 3.83
N VAL A 214 11.57 -12.15 3.16
CA VAL A 214 12.92 -12.11 2.62
C VAL A 214 13.87 -11.60 3.71
N VAL A 215 14.88 -12.41 4.00
CA VAL A 215 15.88 -12.05 5.00
C VAL A 215 17.25 -12.03 4.31
N PRO A 216 17.99 -10.91 4.39
CA PRO A 216 17.68 -9.68 5.11
C PRO A 216 16.59 -8.83 4.40
N THR A 217 16.00 -7.91 5.17
CA THR A 217 15.02 -6.98 4.64
C THR A 217 15.63 -6.30 3.40
N PRO A 218 14.94 -6.36 2.23
CA PRO A 218 15.50 -5.69 1.04
C PRO A 218 15.90 -4.23 1.32
N GLN A 219 17.02 -3.79 0.76
CA GLN A 219 17.49 -2.41 0.98
C GLN A 219 16.42 -1.35 0.62
N ASP A 220 15.66 -1.56 -0.46
CA ASP A 220 14.56 -0.63 -0.81
C ASP A 220 13.58 -0.42 0.37
N PHE A 221 13.29 -1.51 1.10
CA PHE A 221 12.42 -1.47 2.27
C PHE A 221 13.10 -0.71 3.39
N ALA A 222 14.36 -1.05 3.68
CA ALA A 222 15.18 -0.32 4.67
C ALA A 222 15.23 1.17 4.39
N ASP A 223 15.33 1.55 3.13
CA ASP A 223 15.37 2.96 2.76
C ASP A 223 14.05 3.68 3.07
N SER A 224 12.92 3.03 2.80
CA SER A 224 11.63 3.60 3.20
C SER A 224 11.56 3.81 4.72
N VAL A 225 12.00 2.81 5.45
CA VAL A 225 11.87 2.86 6.90
C VAL A 225 12.74 3.96 7.50
N ALA A 226 13.95 4.10 6.97
CA ALA A 226 14.93 5.10 7.43
C ALA A 226 14.44 6.52 7.24
N GLN A 227 13.88 6.82 6.07
CA GLN A 227 13.37 8.17 5.83
C GLN A 227 12.20 8.48 6.75
N MET A 228 11.37 7.47 6.98
CA MET A 228 10.22 7.63 7.85
C MET A 228 10.70 7.88 9.28
N GLU A 229 11.58 7.06 9.79
CA GLU A 229 12.10 7.28 11.16
C GLU A 229 12.81 8.61 11.37
N ALA A 230 13.53 9.08 10.34
CA ALA A 230 14.13 10.43 10.34
C ALA A 230 13.11 11.55 10.51
N GLU A 231 11.92 11.38 9.95
CA GLU A 231 10.90 12.44 10.00
C GLU A 231 9.52 11.79 9.99
N PRO A 232 9.07 11.27 11.16
CA PRO A 232 7.92 10.38 11.15
C PRO A 232 6.54 11.04 11.25
N THR A 233 6.45 12.34 10.96
CA THR A 233 5.14 13.06 11.08
C THR A 233 3.98 12.20 10.56
N VAL A 234 4.01 11.78 9.31
CA VAL A 234 2.80 11.24 8.71
C VAL A 234 2.45 9.88 9.29
N TYR A 235 3.47 9.02 9.36
CA TYR A 235 3.33 7.68 9.88
C TYR A 235 2.90 7.68 11.35
N HIS A 236 3.55 8.49 12.19
CA HIS A 236 3.17 8.52 13.60
C HIS A 236 1.75 9.03 13.77
N THR A 237 1.36 10.02 12.97
CA THR A 237 0.06 10.64 13.15
C THR A 237 -1.05 9.73 12.67
N MET A 238 -0.90 9.17 11.46
CA MET A 238 -1.98 8.38 10.83
C MET A 238 -2.02 6.91 11.29
N ASN A 239 -0.85 6.27 11.37
CA ASN A 239 -0.76 4.87 11.84
C ASN A 239 -0.58 4.80 13.33
N GLY A 240 0.41 5.54 13.84
CA GLY A 240 0.76 5.51 15.25
C GLY A 240 2.00 4.66 15.52
N PRO A 241 2.48 4.67 16.78
CA PRO A 241 3.69 3.96 17.20
C PRO A 241 3.48 2.53 17.73
N ASN A 242 2.22 2.11 17.84
CA ASN A 242 1.88 0.81 18.38
C ASN A 242 2.25 -0.32 17.38
N GLU A 243 2.98 -1.31 17.88
CA GLU A 243 3.53 -2.41 17.08
C GLU A 243 2.45 -3.12 16.24
N PHE A 244 1.29 -3.39 16.83
CA PHE A 244 0.32 -4.34 16.21
C PHE A 244 -1.04 -3.80 15.78
N HIS A 245 -1.43 -2.66 16.37
CA HIS A 245 -2.74 -2.06 16.11
C HIS A 245 -2.55 -0.61 15.72
N VAL A 246 -3.46 -0.12 14.87
CA VAL A 246 -3.42 1.27 14.45
C VAL A 246 -4.04 2.12 15.56
N VAL A 247 -3.23 2.91 16.25
CA VAL A 247 -3.73 3.83 17.25
C VAL A 247 -3.76 5.30 16.75
N GLY A 248 -3.28 5.56 15.54
CA GLY A 248 -3.33 6.89 14.96
C GLY A 248 -4.67 7.30 14.42
N THR A 249 -4.68 8.39 13.63
CA THR A 249 -5.91 8.95 13.12
C THR A 249 -6.63 8.00 12.15
N LEU A 250 -5.93 7.00 11.60
CA LEU A 250 -6.60 5.92 10.82
C LEU A 250 -7.31 4.83 11.66
N GLY A 251 -7.31 4.97 12.97
CA GLY A 251 -7.75 3.87 13.84
C GLY A 251 -9.17 3.34 13.59
N ASP A 252 -10.04 4.24 13.14
CA ASP A 252 -11.47 4.01 12.87
CA ASP A 252 -11.48 3.94 12.87
C ASP A 252 -11.77 3.80 11.37
N TRP A 253 -10.73 3.79 10.54
CA TRP A 253 -10.92 3.81 9.07
C TRP A 253 -11.70 2.61 8.52
N SER A 254 -12.53 2.89 7.53
CA SER A 254 -13.23 1.87 6.75
C SER A 254 -13.66 2.45 5.43
N VAL A 255 -13.55 1.63 4.39
CA VAL A 255 -14.08 2.00 3.09
C VAL A 255 -15.25 1.09 2.68
N ILE A 256 -15.62 0.15 3.55
CA ILE A 256 -16.57 -0.91 3.17
C ILE A 256 -17.90 -0.39 2.62
N ASP A 257 -18.48 0.62 3.24
CA ASP A 257 -19.82 1.06 2.77
C ASP A 257 -19.81 1.87 1.48
N ARG A 258 -18.62 2.24 0.98
CA ARG A 258 -18.50 2.94 -0.30
CA ARG A 258 -18.47 2.95 -0.30
C ARG A 258 -18.08 2.05 -1.48
N LEU A 259 -17.64 0.83 -1.18
CA LEU A 259 -17.18 -0.11 -2.21
C LEU A 259 -18.18 -0.42 -3.34
N PRO A 260 -19.50 -0.43 -3.04
CA PRO A 260 -20.44 -0.63 -4.16
C PRO A 260 -20.40 0.46 -5.20
N ASP A 261 -19.88 1.63 -4.84
CA ASP A 261 -19.74 2.78 -5.76
C ASP A 261 -18.53 2.70 -6.71
N VAL A 262 -17.65 1.73 -6.51
CA VAL A 262 -16.50 1.57 -7.42
C VAL A 262 -17.00 1.10 -8.80
N THR A 263 -16.69 1.85 -9.85
CA THR A 263 -17.11 1.49 -11.20
C THR A 263 -15.95 0.88 -12.00
N ALA A 264 -14.71 1.12 -11.55
CA ALA A 264 -13.52 0.56 -12.18
C ALA A 264 -13.36 -0.93 -11.86
N PRO A 265 -12.80 -1.71 -12.78
CA PRO A 265 -12.39 -3.07 -12.43
C PRO A 265 -11.24 -3.08 -11.44
N VAL A 266 -11.32 -4.05 -10.52
CA VAL A 266 -10.38 -4.15 -9.41
C VAL A 266 -9.80 -5.56 -9.32
N LEU A 267 -8.48 -5.59 -9.12
CA LEU A 267 -7.73 -6.79 -8.79
C LEU A 267 -7.31 -6.66 -7.35
N VAL A 268 -7.58 -7.69 -6.55
CA VAL A 268 -7.19 -7.74 -5.15
C VAL A 268 -6.09 -8.80 -5.00
N ILE A 269 -4.90 -8.34 -4.65
CA ILE A 269 -3.74 -9.19 -4.40
C ILE A 269 -3.48 -9.31 -2.91
N ALA A 270 -3.09 -10.51 -2.49
CA ALA A 270 -2.67 -10.76 -1.14
C ALA A 270 -1.67 -11.90 -1.10
N GLY A 271 -0.90 -11.98 -0.01
CA GLY A 271 -0.04 -13.13 0.20
C GLY A 271 -0.72 -14.21 1.04
N GLU A 272 -0.26 -15.45 0.87
CA GLU A 272 -0.70 -16.56 1.70
C GLU A 272 -0.59 -16.21 3.20
N HIS A 273 0.57 -15.67 3.59
CA HIS A 273 0.90 -15.42 5.01
C HIS A 273 0.76 -13.91 5.36
N ASP A 274 0.08 -13.17 4.51
CA ASP A 274 -0.12 -11.72 4.61
C ASP A 274 -0.79 -11.31 5.93
N GLU A 275 -0.28 -10.24 6.56
CA GLU A 275 -1.02 -9.64 7.68
C GLU A 275 -2.39 -9.18 7.24
N ALA A 276 -2.52 -8.86 5.95
CA ALA A 276 -3.81 -8.67 5.31
C ALA A 276 -4.38 -10.04 4.99
N THR A 277 -4.95 -10.68 6.01
CA THR A 277 -5.53 -12.01 5.88
C THR A 277 -6.84 -11.95 5.10
N PRO A 278 -7.33 -13.12 4.63
CA PRO A 278 -8.52 -13.12 3.75
C PRO A 278 -9.74 -12.37 4.30
N LYS A 279 -10.00 -12.47 5.59
CA LYS A 279 -11.10 -11.71 6.17
C LYS A 279 -10.93 -10.18 6.00
N THR A 280 -9.69 -9.71 5.94
CA THR A 280 -9.45 -8.26 5.82
C THR A 280 -9.79 -7.74 4.44
N TRP A 281 -9.56 -8.55 3.41
CA TRP A 281 -9.82 -8.10 2.04
C TRP A 281 -11.10 -8.70 1.44
N GLN A 282 -11.80 -9.54 2.21
CA GLN A 282 -13.05 -10.13 1.76
C GLN A 282 -14.07 -9.05 1.33
N PRO A 283 -14.18 -7.92 2.09
CA PRO A 283 -15.17 -6.93 1.70
C PRO A 283 -14.90 -6.39 0.28
N PHE A 284 -13.65 -6.31 -0.14
CA PHE A 284 -13.35 -5.84 -1.50
C PHE A 284 -13.99 -6.79 -2.52
N VAL A 285 -13.74 -8.09 -2.38
CA VAL A 285 -14.29 -9.09 -3.34
C VAL A 285 -15.82 -9.28 -3.19
N ASP A 286 -16.35 -9.03 -2.00
CA ASP A 286 -17.81 -9.15 -1.79
C ASP A 286 -18.60 -7.95 -2.30
N HIS A 287 -18.01 -6.75 -2.27
CA HIS A 287 -18.79 -5.54 -2.51
C HIS A 287 -18.42 -4.73 -3.75
N ILE A 288 -17.20 -4.87 -4.26
CA ILE A 288 -16.83 -4.18 -5.49
C ILE A 288 -17.52 -4.85 -6.71
N PRO A 289 -18.20 -4.05 -7.55
CA PRO A 289 -19.00 -4.74 -8.59
C PRO A 289 -18.20 -5.61 -9.54
N ASP A 290 -17.03 -5.14 -9.96
CA ASP A 290 -16.22 -5.88 -10.96
C ASP A 290 -14.88 -6.12 -10.30
N VAL A 291 -14.66 -7.36 -9.84
CA VAL A 291 -13.53 -7.65 -8.93
C VAL A 291 -13.07 -9.08 -9.08
N ARG A 292 -11.75 -9.28 -8.98
CA ARG A 292 -11.16 -10.60 -8.88
CA ARG A 292 -11.19 -10.61 -8.84
C ARG A 292 -9.94 -10.54 -7.95
N SER A 293 -9.50 -11.69 -7.48
CA SER A 293 -8.43 -11.70 -6.51
C SER A 293 -7.37 -12.75 -6.89
N HIS A 294 -6.15 -12.55 -6.38
CA HIS A 294 -5.04 -13.50 -6.56
C HIS A 294 -4.24 -13.56 -5.25
N VAL A 295 -4.14 -14.76 -4.70
CA VAL A 295 -3.39 -15.00 -3.50
C VAL A 295 -2.12 -15.77 -3.85
N PHE A 296 -0.97 -15.23 -3.47
CA PHE A 296 0.33 -15.79 -3.84
C PHE A 296 0.83 -16.75 -2.75
N PRO A 297 1.01 -18.03 -3.11
CA PRO A 297 1.58 -18.94 -2.10
C PRO A 297 2.99 -18.53 -1.71
N GLY A 298 3.32 -18.74 -0.43
CA GLY A 298 4.68 -18.58 0.06
C GLY A 298 5.11 -17.14 0.21
N THR A 299 4.16 -16.20 0.24
CA THR A 299 4.48 -14.80 0.33
C THR A 299 3.67 -14.19 1.49
N SER A 300 3.93 -12.94 1.80
CA SER A 300 3.13 -12.29 2.85
C SER A 300 2.74 -10.86 2.40
N HIS A 301 3.05 -9.84 3.21
CA HIS A 301 2.55 -8.48 2.95
C HIS A 301 3.33 -7.86 1.79
N CYS A 302 4.63 -8.08 1.72
CA CYS A 302 5.42 -7.46 0.65
C CYS A 302 5.62 -8.46 -0.49
N THR A 303 4.53 -8.95 -1.07
CA THR A 303 4.61 -9.89 -2.19
C THR A 303 5.55 -9.43 -3.31
N HIS A 304 5.53 -8.12 -3.60
CA HIS A 304 6.29 -7.52 -4.70
C HIS A 304 7.80 -7.61 -4.49
N LEU A 305 8.21 -7.81 -3.22
CA LEU A 305 9.59 -8.05 -2.87
C LEU A 305 9.95 -9.53 -2.73
N GLU A 306 8.98 -10.33 -2.27
CA GLU A 306 9.20 -11.75 -2.00
C GLU A 306 9.22 -12.63 -3.27
N LYS A 307 8.31 -12.36 -4.20
CA LYS A 307 8.28 -13.01 -5.49
C LYS A 307 8.03 -11.93 -6.54
N PRO A 308 9.05 -11.09 -6.80
CA PRO A 308 8.80 -9.91 -7.64
C PRO A 308 8.31 -10.23 -9.03
N GLU A 309 8.92 -11.21 -9.69
CA GLU A 309 8.54 -11.54 -11.09
C GLU A 309 7.09 -12.12 -11.17
N GLU A 310 6.76 -13.05 -10.25
CA GLU A 310 5.42 -13.63 -10.19
C GLU A 310 4.35 -12.56 -9.94
N PHE A 311 4.64 -11.68 -8.99
CA PHE A 311 3.77 -10.54 -8.65
C PHE A 311 3.52 -9.68 -9.87
N ARG A 312 4.58 -9.27 -10.56
CA ARG A 312 4.43 -8.40 -11.70
C ARG A 312 3.77 -9.09 -12.87
N ALA A 313 3.99 -10.38 -13.05
CA ALA A 313 3.32 -11.15 -14.11
C ALA A 313 1.80 -11.10 -13.95
N VAL A 314 1.30 -11.32 -12.74
CA VAL A 314 -0.15 -11.28 -12.46
C VAL A 314 -0.68 -9.86 -12.70
N VAL A 315 0.03 -8.85 -12.17
CA VAL A 315 -0.37 -7.45 -12.40
C VAL A 315 -0.40 -7.13 -13.91
N ALA A 316 0.63 -7.57 -14.64
CA ALA A 316 0.74 -7.30 -16.07
C ALA A 316 -0.46 -7.85 -16.84
N GLN A 317 -0.92 -9.06 -16.50
CA GLN A 317 -2.12 -9.64 -17.18
C GLN A 317 -3.33 -8.72 -17.00
N PHE A 318 -3.50 -8.21 -15.77
CA PHE A 318 -4.65 -7.36 -15.43
C PHE A 318 -4.59 -6.03 -16.18
N LEU A 319 -3.42 -5.41 -16.19
CA LEU A 319 -3.25 -4.11 -16.83
C LEU A 319 -3.54 -4.27 -18.32
N HIS A 320 -3.08 -5.38 -18.89
CA HIS A 320 -3.23 -5.58 -20.33
C HIS A 320 -4.70 -5.78 -20.68
N GLN A 321 -5.39 -6.58 -19.89
CA GLN A 321 -6.82 -6.82 -20.10
C GLN A 321 -7.59 -5.50 -20.19
N HIS A 322 -7.23 -4.56 -19.33
CA HIS A 322 -7.97 -3.34 -19.21
C HIS A 322 -7.46 -2.21 -20.10
N ASP A 323 -6.22 -2.32 -20.57
CA ASP A 323 -5.78 -1.54 -21.75
C ASP A 323 -6.72 -1.79 -22.94
N LEU A 324 -6.95 -3.08 -23.20
CA LEU A 324 -7.81 -3.53 -24.30
C LEU A 324 -9.26 -3.01 -24.10
N ALA A 325 -9.78 -3.14 -22.89
CA ALA A 325 -11.14 -2.69 -22.61
C ALA A 325 -11.24 -1.17 -22.81
N ALA A 326 -10.29 -0.42 -22.26
CA ALA A 326 -10.31 1.05 -22.40
C ALA A 326 -10.26 1.46 -23.87
N ASP A 327 -9.44 0.76 -24.63
CA ASP A 327 -9.40 0.95 -26.07
C ASP A 327 -10.66 0.37 -26.71
#